data_3FI2
#
_entry.id   3FI2
#
_cell.length_a   82.694
_cell.length_b   124.525
_cell.length_c   69.012
_cell.angle_alpha   90.00
_cell.angle_beta   90.00
_cell.angle_gamma   90.00
#
_symmetry.space_group_name_H-M   'C 2 2 21'
#
loop_
_entity.id
_entity.type
_entity.pdbx_description
1 polymer 'Mitogen-activated protein kinase 10'
2 non-polymer 3-{4-[(phenylcarbamoyl)amino]-1H-pyrazol-1-yl}-N-(3,4,5-trimethoxyphenyl)benzamide
3 non-polymer 1,2-ETHANEDIOL
4 water water
#
_entity_poly.entity_id   1
_entity_poly.type   'polypeptide(L)'
_entity_poly.pdbx_seq_one_letter_code
;MSKSKVDNQFYSVEVGDSTFTVLKRYQNLKPIGSGAQGIVCAAYDAVLDRNVAIKKLSRPFQNQTHAKRAYRELVLMK
(OCY)VNHKNIISLLNVFTPQKTLEEFQDVYLVMELMDANLCQVIQMELDHERMSYLLYQMLCGIKHLHSAGIIHRDLKP
SNIVVKSD(OCY)TLKILDFGLARTAGTSFMMTPYVVTRYYRAPEVILGMGYKENVDIWSVGCIMGEMVRHKILFPGRDY
IDQWNKVIEQLGTPCPEFMKKLQPTVRNYVENRPKYAGLTFPKLFPDSLFPADSEHNKLKASQARDLLSKMLVIDPAKRI
SVDDALQHPYINVWY(UNK)(UNK)(UNK)(UNK)(UNK)(UNK)DEREHTIEEWKELIYKEVMNSE
;
_entity_poly.pdbx_strand_id   A
#
loop_
_chem_comp.id
_chem_comp.type
_chem_comp.name
_chem_comp.formula
EDO non-polymer 1,2-ETHANEDIOL 'C2 H6 O2'
JK1 non-polymer 3-{4-[(phenylcarbamoyl)amino]-1H-pyrazol-1-yl}-N-(3,4,5-trimethoxyphenyl)benzamide 'C26 H25 N5 O5'
#
# COMPACT_ATOMS: atom_id res chain seq x y z
N ASP A 7 -25.51 -27.48 -1.97
CA ASP A 7 -25.79 -26.63 -0.82
C ASP A 7 -26.61 -25.38 -1.15
N ASN A 8 -27.73 -25.21 -0.45
CA ASN A 8 -28.65 -24.12 -0.70
C ASN A 8 -28.38 -22.88 0.15
N GLN A 9 -27.33 -22.93 0.96
CA GLN A 9 -26.87 -21.74 1.68
C GLN A 9 -26.28 -20.74 0.69
N PHE A 10 -25.83 -21.26 -0.45
CA PHE A 10 -25.14 -20.48 -1.47
C PHE A 10 -25.93 -20.37 -2.77
N TYR A 11 -25.57 -19.37 -3.55
CA TYR A 11 -26.05 -19.20 -4.90
C TYR A 11 -24.88 -18.57 -5.67
N SER A 12 -24.97 -18.52 -7.00
CA SER A 12 -23.86 -18.09 -7.84
C SER A 12 -24.25 -16.95 -8.75
N VAL A 13 -23.32 -16.03 -8.94
CA VAL A 13 -23.58 -14.87 -9.77
C VAL A 13 -22.35 -14.52 -10.59
N GLU A 14 -22.57 -14.12 -11.83
CA GLU A 14 -21.46 -13.70 -12.66
C GLU A 14 -21.02 -12.30 -12.25
N VAL A 15 -19.71 -12.12 -12.10
CA VAL A 15 -19.15 -10.81 -11.86
C VAL A 15 -17.97 -10.76 -12.81
N GLY A 16 -18.06 -9.88 -13.81
CA GLY A 16 -17.06 -9.87 -14.86
C GLY A 16 -17.04 -11.20 -15.59
N ASP A 17 -15.85 -11.76 -15.77
CA ASP A 17 -15.69 -13.06 -16.43
C ASP A 17 -15.73 -14.23 -15.45
N SER A 18 -15.89 -13.93 -14.18
CA SER A 18 -15.81 -14.99 -13.20
C SER A 18 -17.16 -15.24 -12.53
N THR A 19 -17.27 -16.38 -11.88
CA THR A 19 -18.50 -16.71 -11.17
C THR A 19 -18.27 -16.58 -9.68
N PHE A 20 -19.15 -15.86 -8.99
CA PHE A 20 -19.11 -15.77 -7.55
C PHE A 20 -20.15 -16.69 -6.97
N THR A 21 -19.72 -17.55 -6.05
CA THR A 21 -20.64 -18.43 -5.33
C THR A 21 -20.63 -18.02 -3.86
N VAL A 22 -21.67 -17.29 -3.44
CA VAL A 22 -21.66 -16.69 -2.11
C VAL A 22 -22.87 -17.06 -1.23
N LEU A 23 -22.71 -16.94 0.09
CA LEU A 23 -23.84 -17.11 1.01
C LEU A 23 -25.00 -16.22 0.54
N LYS A 24 -26.21 -16.73 0.70
CA LYS A 24 -27.40 -16.07 0.15
C LYS A 24 -27.67 -14.74 0.83
N ARG A 25 -27.06 -14.53 1.98
CA ARG A 25 -27.16 -13.25 2.68
C ARG A 25 -26.53 -12.11 1.88
N TYR A 26 -25.60 -12.43 0.98
CA TYR A 26 -24.91 -11.42 0.19
C TYR A 26 -25.62 -11.26 -1.13
N GLN A 27 -26.31 -10.15 -1.29
CA GLN A 27 -27.07 -9.97 -2.50
C GLN A 27 -26.71 -8.71 -3.23
N ASN A 28 -27.17 -8.63 -4.47
CA ASN A 28 -26.95 -7.48 -5.32
C ASN A 28 -25.48 -7.28 -5.64
N LEU A 29 -24.76 -8.35 -5.91
CA LEU A 29 -23.35 -8.23 -6.29
C LEU A 29 -23.14 -7.34 -7.53
N LYS A 30 -22.24 -6.36 -7.38
CA LYS A 30 -21.95 -5.46 -8.46
C LYS A 30 -20.44 -5.35 -8.55
N PRO A 31 -19.88 -5.46 -9.76
CA PRO A 31 -18.42 -5.35 -9.86
C PRO A 31 -17.98 -3.92 -9.52
N ILE A 32 -16.93 -3.82 -8.71
CA ILE A 32 -16.23 -2.57 -8.44
C ILE A 32 -15.20 -2.32 -9.55
N GLY A 38 -7.33 -7.48 -7.72
CA GLY A 38 -7.94 -8.80 -7.60
C GLY A 38 -9.36 -8.83 -8.17
N ILE A 39 -10.23 -9.62 -7.57
CA ILE A 39 -11.63 -9.62 -8.00
C ILE A 39 -12.57 -9.34 -6.82
N VAL A 40 -13.09 -8.13 -6.80
CA VAL A 40 -13.83 -7.60 -5.67
C VAL A 40 -15.16 -7.08 -6.21
N CYS A 41 -16.23 -7.28 -5.47
CA CYS A 41 -17.51 -6.71 -5.89
C CYS A 41 -18.11 -6.05 -4.68
N ALA A 42 -19.10 -5.20 -4.89
CA ALA A 42 -19.83 -4.64 -3.77
C ALA A 42 -21.08 -5.48 -3.62
N ALA A 43 -21.54 -5.62 -2.38
CA ALA A 43 -22.76 -6.35 -2.11
C ALA A 43 -23.44 -5.76 -0.90
N TYR A 44 -24.66 -6.20 -0.69
CA TYR A 44 -25.41 -5.81 0.47
C TYR A 44 -25.63 -7.05 1.27
N ASP A 45 -25.30 -6.95 2.55
CA ASP A 45 -25.41 -8.05 3.48
C ASP A 45 -26.79 -7.93 4.12
N ALA A 46 -27.72 -8.77 3.71
CA ALA A 46 -29.10 -8.68 4.19
C ALA A 46 -29.18 -8.89 5.71
N VAL A 47 -28.33 -9.75 6.25
CA VAL A 47 -28.30 -10.01 7.68
C VAL A 47 -27.80 -8.87 8.57
N LEU A 48 -26.63 -8.33 8.25
CA LEU A 48 -26.13 -7.14 8.92
C LEU A 48 -26.83 -5.87 8.47
N ASP A 49 -27.58 -5.95 7.38
CA ASP A 49 -28.31 -4.77 6.92
C ASP A 49 -27.33 -3.66 6.54
N ARG A 50 -26.31 -4.00 5.75
CA ARG A 50 -25.16 -3.12 5.57
C ARG A 50 -24.33 -3.47 4.31
N ASN A 51 -23.81 -2.45 3.64
CA ASN A 51 -22.98 -2.66 2.43
C ASN A 51 -21.60 -3.22 2.73
N VAL A 52 -21.18 -4.20 1.95
CA VAL A 52 -19.84 -4.78 2.12
C VAL A 52 -19.14 -4.96 0.76
N ALA A 53 -17.82 -5.14 0.77
CA ALA A 53 -17.11 -5.53 -0.45
C ALA A 53 -16.65 -6.95 -0.24
N ILE A 54 -16.59 -7.75 -1.30
CA ILE A 54 -16.29 -9.18 -1.21
C ILE A 54 -15.25 -9.54 -2.22
N LYS A 55 -14.11 -10.05 -1.76
CA LYS A 55 -13.02 -10.42 -2.65
C LYS A 55 -12.95 -11.94 -2.78
N LYS A 56 -12.73 -12.42 -3.99
CA LYS A 56 -12.60 -13.86 -4.25
C LYS A 56 -11.16 -14.20 -4.50
N LEU A 57 -10.62 -15.11 -3.67
CA LEU A 57 -9.34 -15.71 -3.97
C LEU A 57 -9.60 -16.98 -4.78
N SER A 58 -9.23 -16.95 -6.05
CA SER A 58 -9.37 -18.13 -6.88
C SER A 58 -8.00 -18.78 -6.96
N ARG A 59 -7.94 -20.07 -6.63
CA ARG A 59 -6.67 -20.78 -6.66
C ARG A 59 -5.65 -20.11 -5.74
N PRO A 60 -5.99 -19.93 -4.46
CA PRO A 60 -5.02 -19.35 -3.54
C PRO A 60 -3.76 -20.19 -3.49
N PHE A 61 -3.89 -21.46 -3.84
CA PHE A 61 -2.77 -22.38 -3.73
C PHE A 61 -2.38 -22.91 -5.10
N GLN A 62 -2.58 -22.08 -6.13
CA GLN A 62 -2.24 -22.44 -7.51
C GLN A 62 -0.74 -22.66 -7.62
N ASN A 63 0.01 -22.03 -6.71
CA ASN A 63 1.43 -22.30 -6.58
C ASN A 63 1.91 -21.84 -5.22
N GLN A 64 3.15 -22.18 -4.88
CA GLN A 64 3.70 -21.81 -3.58
C GLN A 64 3.76 -20.29 -3.42
N THR A 65 3.86 -19.58 -4.54
CA THR A 65 3.99 -18.13 -4.50
C THR A 65 2.68 -17.48 -4.09
N HIS A 66 1.61 -17.80 -4.81
CA HIS A 66 0.27 -17.31 -4.49
C HIS A 66 -0.20 -17.82 -3.12
N ALA A 67 0.29 -18.99 -2.71
CA ALA A 67 -0.26 -19.66 -1.54
C ALA A 67 0.29 -19.06 -0.25
N LYS A 68 1.55 -18.65 -0.30
CA LYS A 68 2.18 -18.02 0.86
C LYS A 68 1.56 -16.64 1.08
N ARG A 69 1.45 -15.83 0.02
CA ARG A 69 0.75 -14.56 0.18
C ARG A 69 -0.65 -14.75 0.75
N ALA A 70 -1.46 -15.60 0.11
CA ALA A 70 -2.83 -15.79 0.58
C ALA A 70 -2.82 -16.22 2.04
N TYR A 71 -1.91 -17.12 2.40
CA TYR A 71 -1.87 -17.56 3.78
C TYR A 71 -1.53 -16.41 4.72
N ARG A 72 -0.50 -15.68 4.36
CA ARG A 72 -0.03 -14.57 5.18
C ARG A 72 -1.11 -13.50 5.37
N GLU A 73 -1.62 -13.00 4.26
CA GLU A 73 -2.63 -11.94 4.30
C GLU A 73 -3.77 -12.38 5.22
N LEU A 74 -4.23 -13.63 5.06
CA LEU A 74 -5.35 -14.13 5.84
C LEU A 74 -5.10 -14.11 7.33
N VAL A 75 -3.96 -14.65 7.74
CA VAL A 75 -3.55 -14.65 9.12
C VAL A 75 -3.47 -13.23 9.69
N LEU A 76 -2.75 -12.35 8.99
CA LEU A 76 -2.55 -10.97 9.46
C LEU A 76 -3.86 -10.19 9.53
N MET A 77 -4.78 -10.47 8.61
CA MET A 77 -6.06 -9.77 8.62
C MET A 77 -6.88 -10.09 9.87
N LYS A 78 -6.67 -11.28 10.43
CA LYS A 78 -7.39 -11.71 11.61
C LYS A 78 -6.70 -11.27 12.90
N OCY A 79 -5.39 -11.02 12.82
CA OCY A 79 -4.62 -10.70 14.02
CB OCY A 79 -3.46 -11.70 14.23
SG OCY A 79 -2.00 -11.45 13.20
CD OCY A 79 -0.76 -10.45 14.08
CE OCY A 79 0.67 -10.94 14.02
OZ OCY A 79 0.92 -12.33 14.09
C OCY A 79 -4.16 -9.26 14.16
O OCY A 79 -3.93 -8.80 15.23
N VAL A 80 -4.03 -8.55 13.05
CA VAL A 80 -3.66 -7.14 13.12
C VAL A 80 -4.95 -6.32 13.17
N ASN A 81 -5.04 -5.47 14.18
CA ASN A 81 -6.24 -4.68 14.39
C ASN A 81 -5.92 -3.20 14.61
N HIS A 82 -6.23 -2.39 13.62
CA HIS A 82 -6.02 -0.97 13.73
C HIS A 82 -6.99 -0.29 12.78
N LYS A 83 -7.47 0.87 13.21
CA LYS A 83 -8.50 1.60 12.49
C LYS A 83 -8.12 1.91 11.06
N ASN A 84 -6.83 2.05 10.79
CA ASN A 84 -6.40 2.33 9.42
C ASN A 84 -5.97 1.08 8.65
N ILE A 85 -6.16 -0.08 9.24
CA ILE A 85 -5.80 -1.32 8.59
C ILE A 85 -7.05 -2.20 8.36
N ILE A 86 -7.13 -2.84 7.20
CA ILE A 86 -8.25 -3.70 6.88
C ILE A 86 -8.49 -4.77 7.94
N SER A 87 -9.73 -4.86 8.40
CA SER A 87 -10.18 -6.01 9.17
C SER A 87 -11.38 -6.69 8.47
N LEU A 88 -11.39 -8.01 8.51
CA LEU A 88 -12.46 -8.77 7.88
C LEU A 88 -13.73 -8.81 8.70
N LEU A 89 -14.86 -8.89 8.00
CA LEU A 89 -16.17 -9.12 8.61
C LEU A 89 -16.53 -10.58 8.48
N ASN A 90 -15.91 -11.26 7.52
CA ASN A 90 -16.25 -12.64 7.26
C ASN A 90 -15.31 -13.30 6.24
N VAL A 91 -15.14 -14.61 6.39
CA VAL A 91 -14.40 -15.43 5.44
C VAL A 91 -15.11 -16.74 5.27
N PHE A 92 -15.20 -17.21 4.03
CA PHE A 92 -15.89 -18.45 3.77
C PHE A 92 -15.43 -19.13 2.48
N THR A 93 -15.70 -20.42 2.37
CA THR A 93 -15.54 -21.14 1.11
C THR A 93 -16.88 -21.83 0.87
N PRO A 94 -17.31 -21.94 -0.40
CA PRO A 94 -18.53 -22.70 -0.70
C PRO A 94 -18.27 -24.21 -0.72
N GLN A 95 -17.01 -24.60 -0.59
CA GLN A 95 -16.67 -26.03 -0.56
C GLN A 95 -16.77 -26.65 0.84
N LYS A 96 -17.13 -27.94 0.88
CA LYS A 96 -17.50 -28.61 2.12
C LYS A 96 -16.36 -29.39 2.79
N THR A 97 -15.29 -29.64 2.04
CA THR A 97 -14.19 -30.46 2.54
C THR A 97 -12.86 -29.99 1.98
N LEU A 98 -11.79 -30.33 2.69
CA LEU A 98 -10.45 -30.01 2.20
C LEU A 98 -10.30 -30.50 0.78
N GLU A 99 -10.88 -31.67 0.52
CA GLU A 99 -10.65 -32.36 -0.74
C GLU A 99 -11.17 -31.57 -1.92
N GLU A 100 -12.37 -31.01 -1.81
CA GLU A 100 -12.93 -30.22 -2.90
C GLU A 100 -12.68 -28.71 -2.78
N PHE A 101 -12.10 -28.27 -1.66
CA PHE A 101 -11.82 -26.85 -1.45
C PHE A 101 -11.04 -26.18 -2.59
N GLN A 102 -11.65 -25.16 -3.20
CA GLN A 102 -11.03 -24.40 -4.27
C GLN A 102 -10.86 -22.90 -3.93
N ASP A 103 -11.96 -22.27 -3.54
CA ASP A 103 -12.01 -20.81 -3.47
C ASP A 103 -12.22 -20.29 -2.06
N VAL A 104 -11.65 -19.11 -1.81
CA VAL A 104 -11.87 -18.39 -0.57
C VAL A 104 -12.57 -17.06 -0.84
N TYR A 105 -13.45 -16.65 0.07
CA TYR A 105 -14.10 -15.36 -0.07
C TYR A 105 -13.87 -14.50 1.15
N LEU A 106 -13.46 -13.26 0.93
CA LEU A 106 -13.13 -12.34 2.02
C LEU A 106 -14.14 -11.20 1.99
N VAL A 107 -14.72 -10.90 3.15
CA VAL A 107 -15.75 -9.88 3.22
C VAL A 107 -15.32 -8.76 4.17
N MET A 108 -15.42 -7.52 3.68
CA MET A 108 -15.08 -6.35 4.49
C MET A 108 -16.07 -5.22 4.23
N GLU A 109 -15.94 -4.13 4.98
CA GLU A 109 -16.78 -2.98 4.76
C GLU A 109 -16.52 -2.44 3.34
N LEU A 110 -17.61 -2.05 2.67
CA LEU A 110 -17.53 -1.35 1.40
C LEU A 110 -17.04 0.08 1.62
N MET A 111 -15.85 0.39 1.09
CA MET A 111 -15.36 1.76 1.09
C MET A 111 -15.95 2.48 -0.13
N ASP A 112 -15.49 3.70 -0.40
CA ASP A 112 -16.12 4.51 -1.46
C ASP A 112 -15.21 4.70 -2.66
N ALA A 113 -13.91 4.82 -2.39
CA ALA A 113 -12.94 5.08 -3.45
C ALA A 113 -11.57 4.59 -3.02
N ASN A 114 -10.63 4.55 -3.94
CA ASN A 114 -9.22 4.35 -3.61
C ASN A 114 -8.39 5.57 -3.93
N LEU A 115 -7.10 5.53 -3.58
CA LEU A 115 -6.31 6.77 -3.59
C LEU A 115 -6.08 7.29 -4.99
N CYS A 116 -5.99 6.39 -5.96
CA CYS A 116 -5.80 6.78 -7.35
C CYS A 116 -6.82 7.82 -7.78
N GLN A 117 -8.04 7.68 -7.26
CA GLN A 117 -9.13 8.61 -7.53
C GLN A 117 -8.99 9.88 -6.70
N VAL A 118 -8.65 9.72 -5.42
CA VAL A 118 -8.44 10.88 -4.55
C VAL A 118 -7.29 11.75 -5.05
N ILE A 119 -6.26 11.12 -5.63
CA ILE A 119 -5.12 11.84 -6.18
C ILE A 119 -5.55 12.77 -7.32
N GLN A 120 -6.59 12.40 -8.07
CA GLN A 120 -7.05 13.20 -9.20
C GLN A 120 -7.87 14.42 -8.79
N MET A 121 -8.21 14.52 -7.50
CA MET A 121 -8.92 15.69 -7.01
C MET A 121 -7.97 16.91 -6.89
N GLU A 122 -8.52 18.11 -6.90
CA GLU A 122 -7.71 19.30 -6.75
C GLU A 122 -7.07 19.31 -5.36
N LEU A 123 -5.89 19.92 -5.25
CA LEU A 123 -5.13 19.87 -4.01
C LEU A 123 -5.89 20.51 -2.85
N ASP A 124 -5.94 19.81 -1.71
CA ASP A 124 -6.57 20.33 -0.49
C ASP A 124 -5.64 19.96 0.64
N HIS A 125 -5.13 20.96 1.36
CA HIS A 125 -4.16 20.69 2.42
C HIS A 125 -4.74 19.91 3.58
N GLU A 126 -5.96 20.28 3.94
CA GLU A 126 -6.63 19.65 5.05
C GLU A 126 -6.86 18.17 4.77
N ARG A 127 -7.28 17.89 3.54
CA ARG A 127 -7.52 16.54 3.07
C ARG A 127 -6.22 15.73 2.98
N MET A 128 -5.25 16.29 2.25
CA MET A 128 -3.97 15.61 2.01
C MET A 128 -3.25 15.29 3.31
N SER A 129 -3.18 16.27 4.19
CA SER A 129 -2.46 16.06 5.44
C SER A 129 -3.19 15.07 6.32
N TYR A 130 -4.51 14.96 6.14
CA TYR A 130 -5.33 14.01 6.89
C TYR A 130 -5.12 12.58 6.38
N LEU A 131 -5.19 12.41 5.07
CA LEU A 131 -4.85 11.14 4.44
C LEU A 131 -3.45 10.64 4.84
N LEU A 132 -2.43 11.47 4.67
CA LEU A 132 -1.06 11.11 5.06
C LEU A 132 -0.93 10.76 6.54
N TYR A 133 -1.59 11.53 7.41
CA TYR A 133 -1.59 11.20 8.83
C TYR A 133 -2.06 9.76 9.05
N GLN A 134 -3.22 9.43 8.51
CA GLN A 134 -3.77 8.08 8.67
C GLN A 134 -2.87 7.00 8.05
N MET A 135 -2.24 7.29 6.91
CA MET A 135 -1.33 6.31 6.29
C MET A 135 -0.18 6.05 7.24
N LEU A 136 0.41 7.14 7.74
CA LEU A 136 1.53 7.04 8.66
C LEU A 136 1.17 6.24 9.90
N CYS A 137 0.01 6.53 10.50
CA CYS A 137 -0.47 5.77 11.65
C CYS A 137 -0.55 4.26 11.29
N GLY A 138 -1.19 3.94 10.18
CA GLY A 138 -1.35 2.57 9.79
C GLY A 138 -0.01 1.89 9.68
N ILE A 139 0.93 2.57 9.03
CA ILE A 139 2.27 2.04 8.77
C ILE A 139 3.03 1.87 10.08
N LYS A 140 2.85 2.81 11.00
CA LYS A 140 3.43 2.69 12.33
C LYS A 140 2.95 1.42 13.02
N HIS A 141 1.63 1.22 13.04
CA HIS A 141 1.06 0.04 13.66
C HIS A 141 1.60 -1.24 13.00
N LEU A 142 1.51 -1.31 11.68
CA LEU A 142 2.12 -2.40 10.94
C LEU A 142 3.55 -2.63 11.38
N HIS A 143 4.34 -1.56 11.49
CA HIS A 143 5.74 -1.67 11.87
C HIS A 143 5.92 -2.20 13.29
N SER A 144 5.06 -1.75 14.20
CA SER A 144 5.10 -2.25 15.55
C SER A 144 4.59 -3.68 15.61
N ALA A 145 3.85 -4.09 14.59
CA ALA A 145 3.42 -5.49 14.51
C ALA A 145 4.52 -6.37 13.92
N GLY A 146 5.63 -5.75 13.52
CA GLY A 146 6.73 -6.45 12.89
C GLY A 146 6.47 -6.68 11.41
N ILE A 147 5.69 -5.79 10.81
CA ILE A 147 5.45 -5.85 9.38
C ILE A 147 6.03 -4.64 8.69
N ILE A 148 6.99 -4.89 7.80
CA ILE A 148 7.52 -3.87 6.92
C ILE A 148 6.99 -4.20 5.53
N HIS A 149 6.27 -3.25 4.94
CA HIS A 149 5.38 -3.52 3.82
C HIS A 149 6.16 -3.55 2.48
N ARG A 150 6.84 -2.44 2.16
CA ARG A 150 7.69 -2.34 0.97
CA ARG A 150 7.69 -2.32 0.97
C ARG A 150 6.94 -2.25 -0.35
N ASP A 151 5.63 -2.43 -0.30
CA ASP A 151 4.86 -2.50 -1.55
C ASP A 151 3.68 -1.56 -1.59
N LEU A 152 3.73 -0.48 -0.81
CA LEU A 152 2.59 0.44 -0.77
C LEU A 152 2.39 1.14 -2.10
N LYS A 153 1.13 1.27 -2.49
CA LYS A 153 0.75 1.89 -3.74
C LYS A 153 -0.68 2.37 -3.62
N PRO A 154 -1.02 3.43 -4.35
CA PRO A 154 -2.33 4.09 -4.23
C PRO A 154 -3.53 3.15 -4.46
N SER A 155 -3.35 2.15 -5.32
CA SER A 155 -4.46 1.25 -5.64
C SER A 155 -4.90 0.32 -4.50
N ASN A 156 -4.01 0.07 -3.54
CA ASN A 156 -4.31 -0.82 -2.41
C ASN A 156 -4.49 -0.09 -1.07
N ILE A 157 -4.85 1.19 -1.19
CA ILE A 157 -5.24 2.00 -0.05
C ILE A 157 -6.63 2.56 -0.39
N VAL A 158 -7.56 2.53 0.56
CA VAL A 158 -8.93 2.96 0.25
C VAL A 158 -9.52 3.89 1.29
N VAL A 159 -10.51 4.66 0.86
CA VAL A 159 -11.11 5.66 1.72
C VAL A 159 -12.61 5.65 1.55
N LYS A 160 -13.29 6.06 2.60
CA LYS A 160 -14.71 6.31 2.57
C LYS A 160 -14.86 7.82 2.37
N SER A 161 -16.08 8.27 2.13
CA SER A 161 -16.34 9.67 1.82
C SER A 161 -15.99 10.66 2.92
N ASP A 162 -15.83 10.20 4.15
CA ASP A 162 -15.38 11.05 5.25
C ASP A 162 -13.86 11.09 5.34
N OCY A 163 -13.19 10.51 4.40
CA OCY A 163 -11.75 10.54 4.19
CB OCY A 163 -11.16 11.97 4.13
SG OCY A 163 -11.48 12.94 2.64
CD OCY A 163 -10.74 12.10 1.20
CE OCY A 163 -11.68 11.37 0.27
OZ OCY A 163 -12.83 12.06 -0.17
C OCY A 163 -11.02 9.65 5.19
O OCY A 163 -9.84 9.58 5.14
N THR A 164 -11.76 8.85 5.96
CA THR A 164 -11.18 7.77 6.74
C THR A 164 -10.54 6.78 5.77
N LEU A 165 -9.34 6.32 6.10
CA LEU A 165 -8.53 5.61 5.12
C LEU A 165 -8.13 4.22 5.61
N LYS A 166 -8.01 3.29 4.68
CA LYS A 166 -7.62 1.93 5.01
C LYS A 166 -6.61 1.32 4.06
N ILE A 167 -5.53 0.82 4.62
CA ILE A 167 -4.54 0.01 3.93
C ILE A 167 -5.09 -1.42 3.80
N LEU A 168 -5.11 -1.97 2.60
CA LEU A 168 -5.79 -3.26 2.37
C LEU A 168 -4.90 -4.50 2.36
N ASP A 169 -3.59 -4.32 2.21
CA ASP A 169 -2.73 -5.49 2.20
C ASP A 169 -1.46 -5.25 2.97
N PHE A 170 -0.67 -6.31 3.08
CA PHE A 170 0.42 -6.39 4.03
C PHE A 170 1.79 -6.50 3.36
N GLY A 171 1.82 -6.32 2.04
CA GLY A 171 3.06 -6.19 1.29
C GLY A 171 3.83 -7.47 1.02
N LEU A 172 5.08 -7.31 0.60
CA LEU A 172 5.95 -8.43 0.28
C LEU A 172 6.55 -9.07 1.53
N ALA A 173 7.15 -10.24 1.38
CA ALA A 173 7.74 -10.97 2.54
C ALA A 173 9.24 -11.01 2.70
N ARG A 174 9.98 -11.30 1.62
CA ARG A 174 11.41 -11.57 1.66
C ARG A 174 11.99 -10.68 0.57
N VAL A 187 5.90 -5.43 -14.54
CA VAL A 187 6.09 -5.21 -13.10
C VAL A 187 6.12 -3.73 -12.75
N THR A 188 5.04 -3.24 -12.13
CA THR A 188 4.94 -1.83 -11.74
C THR A 188 5.67 -1.54 -10.44
N ARG A 189 6.76 -0.81 -10.54
CA ARG A 189 7.59 -0.50 -9.38
C ARG A 189 7.62 1.00 -9.06
N TYR A 190 6.57 1.72 -9.46
CA TYR A 190 6.61 3.20 -9.35
C TYR A 190 6.78 3.73 -7.93
N TYR A 191 6.45 2.91 -6.93
CA TYR A 191 6.35 3.37 -5.55
C TYR A 191 7.38 2.71 -4.62
N ARG A 192 8.26 1.91 -5.20
CA ARG A 192 9.26 1.20 -4.42
C ARG A 192 10.48 2.05 -4.10
N ALA A 193 10.97 1.91 -2.87
CA ALA A 193 12.19 2.57 -2.42
C ALA A 193 13.41 2.17 -3.27
N PRO A 194 14.33 3.11 -3.46
CA PRO A 194 15.64 2.90 -4.09
C PRO A 194 16.38 1.69 -3.53
N GLU A 195 16.30 1.45 -2.23
CA GLU A 195 16.95 0.28 -1.68
C GLU A 195 16.22 -1.01 -2.03
N VAL A 196 14.94 -0.90 -2.40
CA VAL A 196 14.20 -2.10 -2.78
C VAL A 196 14.47 -2.52 -4.21
N ILE A 197 14.46 -1.56 -5.13
CA ILE A 197 14.70 -1.88 -6.54
C ILE A 197 16.15 -2.18 -6.79
N LEU A 198 17.03 -1.68 -5.94
CA LEU A 198 18.47 -1.93 -6.08
C LEU A 198 18.97 -3.16 -5.30
N GLY A 199 18.07 -3.86 -4.62
CA GLY A 199 18.42 -5.06 -3.86
C GLY A 199 19.32 -4.80 -2.66
N MET A 200 19.08 -3.71 -1.95
CA MET A 200 19.99 -3.25 -0.92
C MET A 200 19.73 -3.73 0.49
N GLY A 201 18.57 -4.33 0.73
CA GLY A 201 18.19 -4.56 2.10
C GLY A 201 17.65 -3.26 2.67
N TYR A 202 16.91 -3.35 3.77
CA TYR A 202 15.99 -2.29 4.07
C TYR A 202 15.63 -2.22 5.55
N LYS A 203 15.16 -1.05 5.97
CA LYS A 203 14.59 -0.90 7.31
C LYS A 203 13.19 -0.29 7.27
N GLU A 204 12.63 0.01 8.44
CA GLU A 204 11.26 0.52 8.52
C GLU A 204 10.98 1.72 7.58
N ASN A 205 11.94 2.62 7.43
CA ASN A 205 11.66 3.84 6.70
C ASN A 205 11.60 3.66 5.20
N VAL A 206 11.66 2.41 4.75
CA VAL A 206 11.42 2.11 3.34
C VAL A 206 9.96 2.43 2.92
N ASP A 207 9.04 2.33 3.87
CA ASP A 207 7.63 2.63 3.61
C ASP A 207 7.38 4.13 3.49
N ILE A 208 8.29 4.92 4.06
CA ILE A 208 8.24 6.37 4.02
C ILE A 208 8.46 6.89 2.60
N TRP A 209 9.34 6.23 1.87
CA TRP A 209 9.58 6.60 0.49
C TRP A 209 8.27 6.56 -0.27
N SER A 210 7.56 5.43 -0.14
CA SER A 210 6.30 5.22 -0.84
C SER A 210 5.26 6.26 -0.48
N VAL A 211 5.22 6.65 0.80
CA VAL A 211 4.30 7.69 1.20
C VAL A 211 4.66 8.97 0.49
N GLY A 212 5.94 9.28 0.47
CA GLY A 212 6.42 10.43 -0.26
C GLY A 212 5.99 10.42 -1.71
N CYS A 213 6.05 9.24 -2.33
CA CYS A 213 5.70 9.06 -3.73
C CYS A 213 4.24 9.40 -3.97
N ILE A 214 3.40 8.97 -3.03
CA ILE A 214 1.97 9.21 -3.10
C ILE A 214 1.66 10.69 -2.82
N MET A 215 2.34 11.26 -1.84
CA MET A 215 2.16 12.66 -1.53
C MET A 215 2.47 13.55 -2.75
N GLY A 216 3.56 13.25 -3.43
CA GLY A 216 3.98 14.04 -4.57
C GLY A 216 3.02 13.92 -5.74
N GLU A 217 2.41 12.74 -5.89
CA GLU A 217 1.49 12.50 -6.98
C GLU A 217 0.19 13.25 -6.73
N MET A 218 -0.12 13.44 -5.45
CA MET A 218 -1.29 14.20 -5.05
C MET A 218 -1.14 15.67 -5.43
N VAL A 219 0.11 16.11 -5.44
CA VAL A 219 0.45 17.47 -5.77
C VAL A 219 0.66 17.62 -7.28
N ARG A 220 1.24 16.61 -7.95
CA ARG A 220 1.50 16.68 -9.41
C ARG A 220 0.39 16.12 -10.29
N HIS A 221 -0.45 15.27 -9.73
CA HIS A 221 -1.48 14.56 -10.48
C HIS A 221 -0.89 13.61 -11.52
N LYS A 222 0.43 13.43 -11.43
CA LYS A 222 1.14 12.51 -12.30
C LYS A 222 2.09 11.64 -11.47
N ILE A 223 2.16 10.37 -11.82
CA ILE A 223 3.09 9.46 -11.17
C ILE A 223 4.45 10.16 -11.09
N LEU A 224 5.12 10.06 -9.95
CA LEU A 224 6.38 10.77 -9.79
C LEU A 224 7.49 10.16 -10.63
N PHE A 225 7.68 8.87 -10.48
CA PHE A 225 8.79 8.20 -11.12
C PHE A 225 8.30 7.09 -12.05
N PRO A 226 7.81 7.45 -13.25
CA PRO A 226 7.19 6.51 -14.20
C PRO A 226 8.19 5.59 -14.89
N GLY A 227 8.82 4.70 -14.14
CA GLY A 227 9.80 3.80 -14.73
C GLY A 227 9.27 2.99 -15.88
N ARG A 228 9.83 3.20 -17.07
CA ARG A 228 9.51 2.39 -18.23
C ARG A 228 9.78 0.92 -17.96
N ASP A 229 10.74 0.64 -17.08
CA ASP A 229 11.10 -0.73 -16.75
C ASP A 229 11.87 -0.87 -15.44
N TYR A 230 12.37 -2.09 -15.23
CA TYR A 230 13.10 -2.50 -14.03
C TYR A 230 14.14 -1.45 -13.61
N ILE A 231 14.79 -0.81 -14.58
CA ILE A 231 15.93 0.04 -14.30
C ILE A 231 15.77 1.52 -14.66
N ASP A 232 15.11 1.78 -15.78
CA ASP A 232 14.77 3.14 -16.17
C ASP A 232 14.01 3.87 -15.06
N GLN A 233 13.40 3.10 -14.16
CA GLN A 233 12.83 3.62 -12.94
C GLN A 233 13.91 4.41 -12.19
N TRP A 234 15.09 3.81 -12.03
CA TRP A 234 16.19 4.44 -11.33
C TRP A 234 16.63 5.72 -12.03
N ASN A 235 16.54 5.73 -13.35
CA ASN A 235 16.89 6.95 -14.06
C ASN A 235 15.92 8.09 -13.76
N LYS A 236 14.67 7.74 -13.50
CA LYS A 236 13.67 8.77 -13.30
C LYS A 236 13.71 9.31 -11.88
N VAL A 237 14.34 8.54 -11.00
CA VAL A 237 14.61 8.99 -9.65
C VAL A 237 15.80 9.96 -9.63
N ILE A 238 16.92 9.55 -10.22
CA ILE A 238 18.12 10.41 -10.24
C ILE A 238 17.92 11.64 -11.11
N GLU A 239 17.14 11.47 -12.16
CA GLU A 239 16.84 12.55 -13.10
C GLU A 239 16.26 13.75 -12.35
N GLN A 240 15.50 13.48 -11.30
CA GLN A 240 14.78 14.53 -10.58
C GLN A 240 15.36 14.87 -9.22
N LEU A 241 15.81 13.85 -8.50
CA LEU A 241 16.29 14.05 -7.14
C LEU A 241 17.79 14.34 -7.14
N GLY A 242 18.47 13.92 -8.21
CA GLY A 242 19.92 14.05 -8.26
C GLY A 242 20.59 12.72 -7.98
N THR A 243 21.85 12.59 -8.38
CA THR A 243 22.60 11.38 -8.07
C THR A 243 22.87 11.38 -6.57
N PRO A 244 22.73 10.22 -5.90
CA PRO A 244 23.09 10.15 -4.49
C PRO A 244 24.60 10.28 -4.27
N CYS A 245 24.96 10.68 -3.06
CA CYS A 245 26.34 10.72 -2.65
C CYS A 245 26.99 9.34 -2.82
N PRO A 246 28.28 9.32 -3.18
CA PRO A 246 29.00 8.07 -3.42
C PRO A 246 28.95 7.09 -2.25
N GLU A 247 28.72 7.57 -1.03
CA GLU A 247 28.75 6.68 0.13
C GLU A 247 27.66 5.63 0.02
N PHE A 248 26.57 6.05 -0.60
CA PHE A 248 25.41 5.20 -0.77
C PHE A 248 25.69 4.01 -1.71
N MET A 249 26.39 4.27 -2.81
CA MET A 249 26.65 3.23 -3.81
CA MET A 249 26.66 3.23 -3.81
C MET A 249 27.63 2.16 -3.33
N LYS A 250 28.25 2.39 -2.17
CA LYS A 250 29.21 1.44 -1.59
C LYS A 250 28.54 0.16 -1.07
N LYS A 251 27.23 0.22 -0.86
CA LYS A 251 26.49 -0.88 -0.24
C LYS A 251 25.82 -1.72 -1.31
N LEU A 252 26.01 -1.32 -2.55
CA LEU A 252 25.43 -2.02 -3.69
C LEU A 252 26.29 -3.23 -4.06
N GLN A 253 25.64 -4.29 -4.51
CA GLN A 253 26.33 -5.46 -5.08
C GLN A 253 27.34 -5.02 -6.14
N PRO A 254 28.33 -5.87 -6.44
CA PRO A 254 29.44 -5.48 -7.31
C PRO A 254 28.97 -4.91 -8.64
N THR A 255 28.05 -5.60 -9.32
CA THR A 255 27.63 -5.20 -10.66
C THR A 255 26.58 -4.08 -10.68
N VAL A 256 25.84 -3.94 -9.59
CA VAL A 256 24.91 -2.83 -9.47
C VAL A 256 25.69 -1.54 -9.21
N ARG A 257 26.80 -1.66 -8.49
CA ARG A 257 27.61 -0.52 -8.09
C ARG A 257 28.20 0.21 -9.28
N ASN A 258 28.92 -0.51 -10.13
CA ASN A 258 29.57 0.10 -11.29
C ASN A 258 28.58 0.59 -12.35
N TYR A 259 27.41 -0.03 -12.42
CA TYR A 259 26.37 0.50 -13.27
C TYR A 259 25.96 1.89 -12.79
N VAL A 260 25.53 1.97 -11.53
CA VAL A 260 25.08 3.20 -10.91
C VAL A 260 26.20 4.25 -10.75
N GLU A 261 27.41 3.77 -10.45
CA GLU A 261 28.52 4.66 -10.09
C GLU A 261 29.13 5.36 -11.31
N ASN A 262 28.85 4.86 -12.49
CA ASN A 262 29.46 5.42 -13.70
C ASN A 262 28.45 5.91 -14.73
N ARG A 263 27.23 6.18 -14.27
CA ARG A 263 26.28 6.92 -15.08
C ARG A 263 26.68 8.37 -14.97
N PRO A 264 26.28 9.20 -15.95
CA PRO A 264 26.55 10.63 -15.83
C PRO A 264 25.88 11.17 -14.57
N LYS A 265 26.62 11.89 -13.73
CA LYS A 265 26.03 12.46 -12.52
C LYS A 265 24.93 13.47 -12.85
N TYR A 266 23.78 13.31 -12.20
CA TYR A 266 22.71 14.30 -12.25
C TYR A 266 22.74 15.20 -11.02
N ALA A 267 22.32 16.45 -11.21
CA ALA A 267 22.24 17.39 -10.11
C ALA A 267 20.81 17.40 -9.53
N GLY A 268 19.87 16.97 -10.37
CA GLY A 268 18.47 16.92 -10.00
C GLY A 268 17.87 18.31 -9.92
N LEU A 269 16.65 18.40 -9.40
CA LEU A 269 16.02 19.68 -9.17
C LEU A 269 15.79 19.91 -7.67
N THR A 270 15.85 21.16 -7.24
CA THR A 270 15.45 21.53 -5.88
C THR A 270 13.97 21.21 -5.69
N PHE A 271 13.50 21.18 -4.44
CA PHE A 271 12.09 20.91 -4.19
C PHE A 271 11.10 22.00 -4.59
N PRO A 272 11.49 23.28 -4.45
CA PRO A 272 10.66 24.35 -5.02
C PRO A 272 10.36 24.11 -6.50
N LYS A 273 11.39 23.71 -7.24
CA LYS A 273 11.28 23.53 -8.69
C LYS A 273 10.60 22.23 -9.05
N LEU A 274 10.65 21.28 -8.13
CA LEU A 274 10.13 19.94 -8.36
C LEU A 274 8.64 19.94 -8.07
N PHE A 275 8.21 20.88 -7.24
CA PHE A 275 6.80 21.03 -6.84
C PHE A 275 6.49 22.52 -6.74
N PRO A 276 6.26 23.17 -7.88
CA PRO A 276 6.20 24.63 -7.93
C PRO A 276 5.03 25.22 -7.17
N ASP A 277 5.12 26.51 -6.85
CA ASP A 277 4.01 27.24 -6.23
C ASP A 277 2.71 27.08 -7.02
N SER A 278 2.84 27.07 -8.35
CA SER A 278 1.68 26.93 -9.23
C SER A 278 0.90 25.63 -9.06
N LEU A 279 1.43 24.67 -8.30
CA LEU A 279 0.71 23.41 -8.02
C LEU A 279 -0.11 23.49 -6.71
N PHE A 280 0.07 24.58 -5.98
CA PHE A 280 -0.50 24.75 -4.64
C PHE A 280 -1.44 25.96 -4.60
N PRO A 281 -2.47 25.89 -3.74
CA PRO A 281 -3.27 27.10 -3.46
C PRO A 281 -2.33 28.24 -3.08
N ALA A 282 -2.53 29.43 -3.65
CA ALA A 282 -1.58 30.51 -3.39
C ALA A 282 -2.26 31.83 -2.99
N ASP A 283 -1.46 32.87 -2.86
CA ASP A 283 -1.99 34.21 -2.51
C ASP A 283 -2.02 34.54 -1.01
N SER A 284 -2.63 33.68 -0.21
CA SER A 284 -2.69 33.92 1.23
C SER A 284 -1.42 33.45 1.93
N GLU A 285 -1.13 34.07 3.06
CA GLU A 285 -0.03 33.64 3.90
C GLU A 285 -0.26 32.22 4.41
N HIS A 286 -1.52 31.89 4.75
CA HIS A 286 -1.85 30.51 5.12
C HIS A 286 -1.44 29.57 4.02
N ASN A 287 -1.75 29.92 2.78
CA ASN A 287 -1.47 29.05 1.65
C ASN A 287 0.03 28.89 1.42
N LYS A 288 0.76 29.99 1.58
CA LYS A 288 2.22 29.93 1.53
C LYS A 288 2.85 29.07 2.63
N LEU A 289 2.44 29.25 3.88
CA LEU A 289 2.93 28.39 4.94
C LEU A 289 2.70 26.91 4.58
N LYS A 290 1.51 26.57 4.10
CA LYS A 290 1.14 25.18 3.86
C LYS A 290 1.96 24.58 2.73
N ALA A 291 2.18 25.36 1.69
CA ALA A 291 2.98 24.90 0.58
C ALA A 291 4.40 24.64 1.06
N SER A 292 4.89 25.52 1.93
CA SER A 292 6.26 25.40 2.43
C SER A 292 6.45 24.14 3.29
N GLN A 293 5.53 23.89 4.23
CA GLN A 293 5.51 22.68 5.04
C GLN A 293 5.38 21.39 4.23
N ALA A 294 4.49 21.41 3.26
CA ALA A 294 4.28 20.26 2.40
C ALA A 294 5.56 19.91 1.66
N ARG A 295 6.19 20.91 1.04
CA ARG A 295 7.44 20.73 0.31
C ARG A 295 8.56 20.31 1.27
N ASP A 296 8.59 20.92 2.44
CA ASP A 296 9.56 20.51 3.42
C ASP A 296 9.43 19.00 3.69
N LEU A 297 8.22 18.57 4.05
CA LEU A 297 7.97 17.15 4.32
C LEU A 297 8.33 16.29 3.12
N LEU A 298 8.01 16.75 1.91
CA LEU A 298 8.35 15.97 0.71
C LEU A 298 9.85 15.81 0.59
N SER A 299 10.59 16.87 0.93
CA SER A 299 12.05 16.87 0.81
C SER A 299 12.68 15.95 1.84
N LYS A 300 11.90 15.53 2.85
CA LYS A 300 12.39 14.63 3.91
C LYS A 300 11.97 13.16 3.72
N MET A 301 10.98 12.93 2.89
CA MET A 301 10.55 11.59 2.58
C MET A 301 11.12 11.10 1.26
N LEU A 302 11.30 12.01 0.31
CA LEU A 302 11.82 11.66 -1.01
C LEU A 302 13.34 11.87 -0.97
N VAL A 303 14.01 10.95 -0.29
CA VAL A 303 15.45 11.01 -0.07
C VAL A 303 15.97 9.62 -0.42
N ILE A 304 16.85 9.55 -1.42
CA ILE A 304 17.30 8.26 -1.92
C ILE A 304 17.99 7.42 -0.85
N ASP A 305 18.78 8.08 -0.02
CA ASP A 305 19.57 7.40 0.99
C ASP A 305 18.78 7.22 2.27
N PRO A 306 18.41 5.97 2.58
CA PRO A 306 17.57 5.60 3.73
C PRO A 306 18.15 6.14 5.02
N ALA A 307 19.47 6.26 5.06
CA ALA A 307 20.14 6.72 6.28
C ALA A 307 19.97 8.21 6.47
N LYS A 308 19.40 8.88 5.47
CA LYS A 308 19.15 10.32 5.55
C LYS A 308 17.64 10.61 5.50
N ARG A 309 16.83 9.55 5.38
CA ARG A 309 15.39 9.70 5.18
C ARG A 309 14.63 9.75 6.49
N ILE A 310 13.70 10.69 6.61
CA ILE A 310 12.90 10.80 7.82
C ILE A 310 12.20 9.48 8.19
N SER A 311 12.00 9.28 9.48
CA SER A 311 11.33 8.11 9.99
C SER A 311 9.82 8.35 10.11
N VAL A 312 9.08 7.27 10.36
CA VAL A 312 7.66 7.32 10.65
C VAL A 312 7.34 8.23 11.85
N ASP A 313 8.03 8.01 12.97
CA ASP A 313 7.77 8.81 14.17
C ASP A 313 8.01 10.29 13.91
N ASP A 314 9.08 10.60 13.17
CA ASP A 314 9.39 12.00 12.87
C ASP A 314 8.38 12.61 11.92
N ALA A 315 7.96 11.84 10.92
CA ALA A 315 7.02 12.35 9.93
C ALA A 315 5.72 12.69 10.65
N LEU A 316 5.40 11.92 11.69
CA LEU A 316 4.18 12.11 12.46
C LEU A 316 4.25 13.34 13.34
N GLN A 317 5.46 13.85 13.60
CA GLN A 317 5.58 15.06 14.39
C GLN A 317 5.81 16.25 13.45
N HIS A 318 5.96 15.98 12.16
CA HIS A 318 6.18 17.06 11.23
C HIS A 318 5.00 18.05 11.30
N PRO A 319 5.30 19.34 11.20
CA PRO A 319 4.30 20.42 11.32
C PRO A 319 3.14 20.24 10.36
N TYR A 320 3.41 19.69 9.17
CA TYR A 320 2.35 19.40 8.21
C TYR A 320 1.37 18.35 8.72
N ILE A 321 1.85 17.41 9.52
CA ILE A 321 1.07 16.23 9.96
C ILE A 321 0.59 16.31 11.40
N ASN A 322 1.40 16.91 12.28
CA ASN A 322 1.13 16.82 13.72
C ASN A 322 -0.09 17.61 14.24
N VAL A 323 -0.81 18.26 13.33
CA VAL A 323 -2.05 18.96 13.66
C VAL A 323 -3.16 17.96 13.95
N TRP A 324 -2.96 16.74 13.51
CA TRP A 324 -3.97 15.70 13.69
C TRP A 324 -3.61 14.82 14.87
N TYR A 325 -2.50 15.12 15.53
CA TYR A 325 -2.03 14.27 16.61
C TYR A 325 -3.15 13.98 17.62
N UNK A 326 -5.18 8.59 24.33
CA UNK A 326 -5.37 7.42 23.48
C UNK A 326 -4.60 6.23 24.04
N UNK A 327 -4.87 5.03 23.49
CA UNK A 327 -4.17 3.81 23.90
C UNK A 327 -4.16 2.72 22.84
N UNK A 328 -3.12 1.89 22.83
CA UNK A 328 -3.02 0.77 21.89
C UNK A 328 -1.98 -0.30 22.28
N UNK A 329 -2.27 -1.55 21.92
CA UNK A 329 -1.33 -2.66 22.10
C UNK A 329 -1.03 -3.30 20.74
N UNK A 330 0.25 -3.50 20.47
CA UNK A 330 0.69 -3.92 19.13
C UNK A 330 0.48 -5.39 18.82
N UNK A 331 0.50 -6.24 19.84
CA UNK A 331 0.16 -7.66 19.67
C UNK A 331 0.97 -8.35 18.58
N ASP A 332 6.66 -15.76 10.92
CA ASP A 332 7.24 -17.02 10.50
C ASP A 332 7.51 -17.01 9.01
N GLU A 333 8.37 -17.92 8.58
CA GLU A 333 8.63 -18.12 7.16
C GLU A 333 9.13 -19.53 6.97
N ARG A 334 8.55 -20.22 6.00
CA ARG A 334 8.90 -21.60 5.74
C ARG A 334 8.25 -22.04 4.45
N GLU A 335 8.97 -22.84 3.66
CA GLU A 335 8.38 -23.40 2.44
C GLU A 335 7.40 -24.52 2.76
N HIS A 336 6.40 -24.68 1.91
CA HIS A 336 5.47 -25.79 2.06
C HIS A 336 5.12 -26.33 0.69
N THR A 337 4.67 -27.57 0.67
CA THR A 337 4.14 -28.15 -0.55
C THR A 337 2.75 -27.56 -0.74
N ILE A 338 2.23 -27.73 -1.95
CA ILE A 338 0.89 -27.26 -2.24
C ILE A 338 -0.12 -27.87 -1.27
N GLU A 339 -0.06 -29.20 -1.10
CA GLU A 339 -0.95 -29.90 -0.20
C GLU A 339 -0.96 -29.24 1.18
N GLU A 340 0.22 -29.07 1.77
CA GLU A 340 0.31 -28.46 3.10
C GLU A 340 -0.14 -27.01 3.11
N TRP A 341 -0.04 -26.34 1.97
CA TRP A 341 -0.54 -24.98 1.82
C TRP A 341 -2.06 -24.98 1.78
N LYS A 342 -2.62 -25.81 0.90
CA LYS A 342 -4.07 -25.99 0.80
C LYS A 342 -4.71 -26.33 2.16
N GLU A 343 -4.02 -27.11 2.99
CA GLU A 343 -4.60 -27.50 4.28
C GLU A 343 -4.49 -26.44 5.35
N LEU A 344 -3.36 -25.75 5.36
CA LEU A 344 -3.15 -24.68 6.34
C LEU A 344 -4.20 -23.61 6.09
N ILE A 345 -4.31 -23.21 4.82
CA ILE A 345 -5.26 -22.18 4.41
C ILE A 345 -6.68 -22.61 4.77
N TYR A 346 -7.05 -23.80 4.32
CA TYR A 346 -8.37 -24.35 4.57
C TYR A 346 -8.75 -24.26 6.04
N LYS A 347 -7.80 -24.59 6.91
CA LYS A 347 -8.04 -24.59 8.34
C LYS A 347 -8.20 -23.18 8.89
N GLU A 348 -7.50 -22.21 8.27
CA GLU A 348 -7.70 -20.78 8.59
C GLU A 348 -9.11 -20.33 8.26
N VAL A 349 -9.59 -20.72 7.08
CA VAL A 349 -10.93 -20.33 6.66
C VAL A 349 -11.99 -20.90 7.59
N MET A 350 -11.79 -22.14 8.04
CA MET A 350 -12.79 -22.81 8.87
C MET A 350 -12.68 -22.41 10.35
N ASN A 351 -11.53 -21.89 10.74
CA ASN A 351 -11.38 -21.28 12.05
C ASN A 351 -11.85 -19.82 12.02
O1 JK1 B . -10.14 -3.74 -2.67
N2 JK1 B . -10.68 -5.72 -1.33
C3 JK1 B . -23.84 0.13 -3.24
O4 JK1 B . -22.15 2.56 -1.94
C5 JK1 B . -10.04 -8.13 1.49
C6 JK1 B . -12.47 -7.88 1.02
C7 JK1 B . -12.81 1.78 -4.98
C8 JK1 B . -9.77 -7.22 0.46
C10 JK1 B . -14.18 2.08 -5.32
C11 JK1 B . -12.50 0.80 -3.83
C15 JK1 B . -19.85 2.17 -2.82
C16 JK1 B . -12.12 -1.48 -1.96
C17 JK1 B . -11.09 -4.51 -2.02
C18 JK1 B . -16.72 1.67 -4.91
C19 JK1 B . -10.87 -6.67 -0.27
C20 JK1 B . -19.01 1.59 -3.85
C22 JK1 B . -15.23 1.47 -4.60
C23 JK1 B . -13.57 0.22 -3.16
C24 JK1 B . -21.04 0.70 -5.04
C25 JK1 B . -21.32 2.01 -2.94
C26 JK1 B . -21.89 1.26 -4.06
C1 JK1 B . -20.68 -0.36 -7.17
N1 JK1 B . -14.18 -0.86 -0.93
C2 JK1 B . -21.89 2.92 -0.60
O2 JK1 B . -17.11 1.91 -5.99
N3 JK1 B . -11.87 -3.73 -1.08
O3 JK1 B . -21.55 -0.04 -6.11
C4 JK1 B . -11.35 -8.47 1.78
N4 JK1 B . -17.55 1.64 -3.74
N5 JK1 B . -13.33 -0.72 -2.11
O5 JK1 B . -23.27 1.06 -4.14
C9 JK1 B . -12.22 -7.01 0.02
C12 JK1 B . -13.84 -2.18 -0.35
C13 JK1 B . -14.98 0.52 -3.49
C14 JK1 B . -19.52 0.86 -4.93
C21 JK1 B . -12.36 -2.42 -0.73
C1 EDO C . 28.85 10.92 0.45
O1 EDO C . 29.41 12.05 -0.21
C2 EDO C . 29.63 9.66 0.10
O2 EDO C . 30.95 10.03 -0.31
#